data_1OYO
#
_entry.id   1OYO
#
_cell.length_a   68.319
_cell.length_b   68.319
_cell.length_c   108.292
_cell.angle_alpha   90.00
_cell.angle_beta   90.00
_cell.angle_gamma   90.00
#
_symmetry.space_group_name_H-M   'P 43 21 2'
#
loop_
_entity.id
_entity.type
_entity.pdbx_description
1 polymer 'Proteinase K'
2 non-polymer 'CALCIUM ION'
3 non-polymer 3H-INDOLE-5,6-DIOL
4 water water
#
_entity_poly.entity_id   1
_entity_poly.type   'polypeptide(L)'
_entity_poly.pdbx_seq_one_letter_code
;AAQTNAPWGLARISSTSPGTSTYYYDESAGQGSCVYVIDTGIEASHPEFEGRAQMVKTYYYSSRDGNGHGTHCAGTVGSR
TYGVAKKTQLFGVKVLDDNGSGQYSTIIAGMDFVASDKNNRNCPKGVVASLSLGGGYSSSVNSAAARLQSSGVMVAVAAG
NNNADARNYSPASEPSVCTVGASDRYDRRSSFSNYGSVLDIFGPGTSILSTWIGGSTRSISGTSMATPHVAGLAAYLMTL
GKTTAASACRYIADTANKGDLSNIPFGTVNLLAYNNYQA
;
_entity_poly.pdbx_strand_id   A
#
# COMPACT_ATOMS: atom_id res chain seq x y z
N ALA A 1 13.57 -9.48 -14.50
CA ALA A 1 12.30 -9.78 -15.23
C ALA A 1 11.66 -8.48 -15.69
N ALA A 2 10.75 -8.59 -16.66
CA ALA A 2 10.09 -7.41 -17.17
C ALA A 2 8.65 -7.69 -17.60
N GLN A 3 7.74 -6.83 -17.18
CA GLN A 3 6.35 -6.95 -17.57
C GLN A 3 6.14 -5.86 -18.60
N THR A 4 5.90 -6.28 -19.82
CA THR A 4 5.70 -5.38 -20.94
C THR A 4 4.26 -4.86 -20.92
N ASN A 5 4.05 -3.61 -21.34
CA ASN A 5 2.73 -2.99 -21.35
C ASN A 5 2.08 -3.10 -19.96
N ALA A 6 2.86 -2.79 -18.93
CA ALA A 6 2.38 -2.85 -17.56
C ALA A 6 1.55 -1.61 -17.24
N PRO A 7 0.76 -1.66 -16.15
CA PRO A 7 -0.04 -0.49 -15.78
C PRO A 7 1.00 0.62 -15.55
N TRP A 8 0.65 1.86 -15.88
CA TRP A 8 1.61 2.95 -15.74
C TRP A 8 2.32 3.04 -14.38
N GLY A 9 1.57 2.81 -13.30
CA GLY A 9 2.14 2.88 -11.96
C GLY A 9 3.27 1.90 -11.72
N LEU A 10 3.14 0.68 -12.24
CA LEU A 10 4.19 -0.32 -12.06
C LEU A 10 5.41 0.08 -12.88
N ALA A 11 5.20 0.57 -14.09
CA ALA A 11 6.31 1.01 -14.93
C ALA A 11 7.03 2.19 -14.26
N ARG A 12 6.27 3.09 -13.65
CA ARG A 12 6.83 4.28 -13.02
C ARG A 12 7.79 3.96 -11.87
N ILE A 13 7.41 2.99 -11.05
CA ILE A 13 8.18 2.56 -9.90
C ILE A 13 9.53 1.91 -10.23
N SER A 14 9.70 1.45 -11.47
CA SER A 14 10.95 0.83 -11.88
C SER A 14 11.58 1.70 -12.95
N SER A 15 11.16 2.95 -12.99
CA SER A 15 11.69 3.88 -13.97
C SER A 15 12.17 5.16 -13.32
N THR A 16 13.06 5.83 -14.02
CA THR A 16 13.66 7.06 -13.56
C THR A 16 12.99 8.23 -14.28
N SER A 17 12.15 7.90 -15.25
CA SER A 17 11.41 8.88 -16.03
C SER A 17 9.97 8.42 -16.23
N PRO A 18 9.03 9.37 -16.34
CA PRO A 18 7.62 9.00 -16.55
C PRO A 18 7.43 8.59 -18.01
N GLY A 19 6.28 8.03 -18.34
CA GLY A 19 6.03 7.65 -19.72
C GLY A 19 6.53 6.33 -20.26
N THR A 20 7.11 5.48 -19.41
CA THR A 20 7.58 4.18 -19.91
C THR A 20 6.45 3.20 -19.63
N SER A 21 6.49 2.02 -20.23
CA SER A 21 5.41 1.05 -20.02
C SER A 21 5.84 -0.35 -19.65
N THR A 22 7.11 -0.54 -19.32
CA THR A 22 7.60 -1.84 -18.91
C THR A 22 7.93 -1.79 -17.42
N TYR A 23 7.53 -2.82 -16.70
CA TYR A 23 7.81 -2.89 -15.27
C TYR A 23 8.97 -3.87 -15.11
N TYR A 24 10.14 -3.37 -14.70
CA TYR A 24 11.30 -4.22 -14.50
C TYR A 24 11.42 -4.53 -13.02
N TYR A 25 11.57 -5.80 -12.69
CA TYR A 25 11.68 -6.19 -11.30
C TYR A 25 12.46 -7.49 -11.15
N ASP A 26 12.90 -7.75 -9.93
CA ASP A 26 13.63 -8.98 -9.66
C ASP A 26 12.63 -10.12 -9.55
N GLU A 27 12.97 -11.24 -10.20
CA GLU A 27 12.11 -12.40 -10.21
C GLU A 27 11.70 -12.95 -8.85
N SER A 28 12.46 -12.65 -7.79
CA SER A 28 12.09 -13.12 -6.45
C SER A 28 10.69 -12.62 -6.13
N ALA A 29 10.36 -11.46 -6.70
CA ALA A 29 9.05 -10.84 -6.58
C ALA A 29 8.35 -10.86 -5.23
N GLY A 30 9.09 -10.67 -4.14
CA GLY A 30 8.45 -10.66 -2.84
C GLY A 30 8.05 -11.99 -2.24
N GLN A 31 8.47 -13.11 -2.82
CA GLN A 31 8.08 -14.37 -2.21
C GLN A 31 8.76 -14.53 -0.85
N GLY A 32 8.04 -15.13 0.10
CA GLY A 32 8.58 -15.29 1.43
C GLY A 32 8.12 -14.20 2.39
N SER A 33 7.60 -13.11 1.84
CA SER A 33 7.09 -12.01 2.67
C SER A 33 5.57 -12.09 2.69
N CYS A 34 4.96 -11.36 3.62
CA CYS A 34 3.51 -11.36 3.75
C CYS A 34 2.99 -9.94 3.88
N VAL A 35 1.86 -9.65 3.24
CA VAL A 35 1.25 -8.33 3.33
C VAL A 35 -0.19 -8.46 3.77
N TYR A 36 -0.52 -7.79 4.88
CA TYR A 36 -1.88 -7.78 5.38
C TYR A 36 -2.58 -6.56 4.78
N VAL A 37 -3.71 -6.78 4.13
CA VAL A 37 -4.47 -5.68 3.57
C VAL A 37 -5.65 -5.52 4.51
N ILE A 38 -5.66 -4.40 5.25
CA ILE A 38 -6.69 -4.09 6.23
C ILE A 38 -7.65 -3.13 5.50
N ASP A 39 -8.74 -3.69 4.99
CA ASP A 39 -9.68 -2.93 4.17
C ASP A 39 -11.09 -3.53 4.20
N THR A 40 -11.73 -3.58 3.03
CA THR A 40 -13.10 -4.12 2.91
C THR A 40 -13.10 -5.63 2.67
N GLY A 41 -11.92 -6.24 2.68
CA GLY A 41 -11.77 -7.66 2.44
C GLY A 41 -11.09 -7.88 1.10
N ILE A 42 -10.90 -9.14 0.72
CA ILE A 42 -10.25 -9.46 -0.55
C ILE A 42 -10.99 -10.60 -1.23
N GLU A 43 -11.23 -10.50 -2.53
CA GLU A 43 -11.89 -11.59 -3.24
C GLU A 43 -10.77 -12.59 -3.54
N ALA A 44 -10.46 -13.42 -2.55
CA ALA A 44 -9.39 -14.41 -2.65
C ALA A 44 -9.46 -15.35 -3.85
N SER A 45 -10.68 -15.60 -4.32
CA SER A 45 -10.90 -16.50 -5.44
C SER A 45 -10.52 -15.91 -6.79
N HIS A 46 -10.19 -14.62 -6.83
CA HIS A 46 -9.83 -13.99 -8.09
C HIS A 46 -8.59 -14.66 -8.67
N PRO A 47 -8.65 -15.07 -9.95
CA PRO A 47 -7.56 -15.73 -10.69
C PRO A 47 -6.22 -15.00 -10.58
N GLU A 48 -6.29 -13.68 -10.54
CA GLU A 48 -5.10 -12.84 -10.46
C GLU A 48 -4.27 -13.06 -9.19
N PHE A 49 -4.88 -13.67 -8.19
CA PHE A 49 -4.18 -13.93 -6.93
C PHE A 49 -3.51 -15.29 -6.93
N GLU A 50 -3.88 -16.14 -7.88
CA GLU A 50 -3.29 -17.46 -8.03
C GLU A 50 -3.26 -18.27 -6.75
N GLY A 51 -4.23 -18.07 -5.88
CA GLY A 51 -4.27 -18.82 -4.63
C GLY A 51 -3.34 -18.29 -3.55
N ARG A 52 -2.73 -17.13 -3.80
CA ARG A 52 -1.81 -16.55 -2.82
C ARG A 52 -2.50 -15.59 -1.85
N ALA A 53 -3.82 -15.49 -1.95
CA ALA A 53 -4.57 -14.59 -1.08
C ALA A 53 -5.53 -15.36 -0.19
N GLN A 54 -5.76 -14.85 1.02
CA GLN A 54 -6.71 -15.50 1.91
C GLN A 54 -7.23 -14.58 2.99
N MET A 55 -8.52 -14.71 3.28
CA MET A 55 -9.16 -13.92 4.31
C MET A 55 -8.72 -14.56 5.61
N VAL A 56 -8.39 -13.70 6.56
CA VAL A 56 -7.88 -14.15 7.83
C VAL A 56 -8.70 -13.64 9.02
N LYS A 57 -9.53 -12.63 8.79
CA LYS A 57 -10.35 -12.05 9.85
C LYS A 57 -11.41 -11.06 9.36
N THR A 58 -12.64 -11.16 9.89
CA THR A 58 -13.70 -10.20 9.55
C THR A 58 -14.21 -9.61 10.82
N TYR A 59 -14.80 -8.44 10.69
CA TYR A 59 -15.42 -7.81 11.83
C TYR A 59 -16.91 -7.64 11.54
N TYR A 60 -17.35 -8.24 10.43
CA TYR A 60 -18.76 -8.17 10.04
C TYR A 60 -19.34 -9.57 9.82
N TYR A 61 -20.55 -9.63 9.29
CA TYR A 61 -21.24 -10.91 9.07
C TYR A 61 -20.52 -11.89 8.18
N SER A 62 -19.85 -11.38 7.15
CA SER A 62 -19.12 -12.24 6.22
C SER A 62 -17.74 -11.66 5.99
N SER A 63 -16.82 -12.49 5.49
CA SER A 63 -15.46 -12.04 5.21
C SER A 63 -15.28 -11.67 3.75
N ARG A 64 -16.35 -11.76 2.98
CA ARG A 64 -16.28 -11.45 1.56
C ARG A 64 -16.23 -9.95 1.28
N ASP A 65 -15.54 -9.58 0.20
CA ASP A 65 -15.44 -8.18 -0.19
C ASP A 65 -16.66 -7.86 -1.05
N GLY A 66 -17.62 -7.15 -0.47
CA GLY A 66 -18.81 -6.79 -1.22
C GLY A 66 -18.69 -5.38 -1.74
N ASN A 67 -17.52 -4.78 -1.58
CA ASN A 67 -17.28 -3.42 -2.03
C ASN A 67 -16.37 -3.36 -3.25
N GLY A 68 -15.18 -3.94 -3.13
CA GLY A 68 -14.25 -3.95 -4.24
C GLY A 68 -12.95 -3.21 -3.94
N HIS A 69 -13.03 -2.22 -3.05
CA HIS A 69 -11.88 -1.40 -2.67
C HIS A 69 -10.71 -2.25 -2.16
N GLY A 70 -10.99 -3.14 -1.21
CA GLY A 70 -9.96 -4.00 -0.66
C GLY A 70 -9.33 -4.91 -1.70
N THR A 71 -10.17 -5.44 -2.59
CA THR A 71 -9.68 -6.32 -3.64
C THR A 71 -8.78 -5.53 -4.58
N HIS A 72 -9.13 -4.28 -4.83
CA HIS A 72 -8.35 -3.43 -5.71
C HIS A 72 -6.98 -3.17 -5.09
N CYS A 73 -6.96 -2.78 -3.83
CA CYS A 73 -5.70 -2.51 -3.14
C CYS A 73 -4.80 -3.74 -3.09
N ALA A 74 -5.39 -4.89 -2.76
CA ALA A 74 -4.63 -6.14 -2.70
C ALA A 74 -3.99 -6.46 -4.05
N GLY A 75 -4.73 -6.20 -5.12
CA GLY A 75 -4.23 -6.46 -6.45
C GLY A 75 -2.98 -5.66 -6.78
N THR A 76 -2.94 -4.42 -6.32
CA THR A 76 -1.79 -3.55 -6.57
C THR A 76 -0.60 -4.05 -5.76
N VAL A 77 -0.87 -4.60 -4.58
CA VAL A 77 0.20 -5.15 -3.77
C VAL A 77 0.80 -6.39 -4.44
N GLY A 78 -0.02 -7.41 -4.73
CA GLY A 78 0.57 -8.60 -5.30
C GLY A 78 -0.24 -9.48 -6.28
N SER A 79 -1.09 -8.92 -7.15
CA SER A 79 -1.75 -9.76 -8.13
C SER A 79 -0.72 -10.02 -9.22
N ARG A 80 -0.93 -11.04 -10.04
CA ARG A 80 0.01 -11.36 -11.10
C ARG A 80 0.22 -10.20 -12.07
N THR A 81 -0.85 -9.71 -12.64
CA THR A 81 -0.76 -8.65 -13.64
C THR A 81 -0.64 -7.22 -13.14
N TYR A 82 -1.34 -6.91 -12.05
CA TYR A 82 -1.37 -5.55 -11.54
C TYR A 82 -0.58 -5.29 -10.26
N GLY A 83 0.12 -6.31 -9.77
CA GLY A 83 0.86 -6.16 -8.53
C GLY A 83 2.33 -5.85 -8.58
N VAL A 84 2.80 -5.20 -7.51
CA VAL A 84 4.21 -4.83 -7.37
C VAL A 84 5.03 -6.06 -6.99
N ALA A 85 4.59 -6.77 -5.96
CA ALA A 85 5.27 -7.96 -5.45
C ALA A 85 4.40 -9.14 -5.86
N LYS A 86 4.65 -9.64 -7.07
CA LYS A 86 3.85 -10.71 -7.67
C LYS A 86 3.85 -12.09 -7.05
N LYS A 87 4.72 -12.35 -6.09
CA LYS A 87 4.76 -13.67 -5.44
C LYS A 87 4.56 -13.58 -3.93
N THR A 88 4.10 -12.44 -3.45
CA THR A 88 3.89 -12.28 -2.03
C THR A 88 2.61 -12.99 -1.58
N GLN A 89 2.51 -13.21 -0.27
CA GLN A 89 1.33 -13.83 0.31
C GLN A 89 0.43 -12.71 0.85
N LEU A 90 -0.84 -12.76 0.51
CA LEU A 90 -1.79 -11.74 0.92
C LEU A 90 -2.80 -12.25 1.95
N PHE A 91 -2.97 -11.49 3.02
CA PHE A 91 -3.92 -11.84 4.08
C PHE A 91 -4.90 -10.69 4.20
N GLY A 92 -6.19 -11.01 4.18
CA GLY A 92 -7.19 -9.96 4.28
C GLY A 92 -7.82 -9.86 5.64
N VAL A 93 -7.97 -8.63 6.11
CA VAL A 93 -8.59 -8.33 7.39
C VAL A 93 -9.70 -7.33 7.07
N LYS A 94 -10.95 -7.74 7.23
CA LYS A 94 -12.07 -6.86 6.91
C LYS A 94 -12.52 -6.01 8.08
N VAL A 95 -12.07 -4.75 8.09
CA VAL A 95 -12.44 -3.81 9.14
C VAL A 95 -13.41 -2.78 8.58
N LEU A 96 -13.61 -2.80 7.26
CA LEU A 96 -14.54 -1.86 6.65
C LEU A 96 -15.72 -2.65 6.09
N ASP A 97 -16.92 -2.07 6.15
CA ASP A 97 -18.08 -2.78 5.63
C ASP A 97 -18.16 -2.63 4.11
N ASP A 98 -19.18 -3.20 3.49
CA ASP A 98 -19.30 -3.15 2.04
C ASP A 98 -19.63 -1.79 1.44
N ASN A 99 -19.82 -0.80 2.30
CA ASN A 99 -20.07 0.56 1.84
C ASN A 99 -18.74 1.29 1.94
N GLY A 100 -17.74 0.58 2.46
CA GLY A 100 -16.41 1.14 2.60
C GLY A 100 -16.21 1.94 3.87
N SER A 101 -17.08 1.75 4.86
CA SER A 101 -16.95 2.49 6.10
C SER A 101 -16.78 1.57 7.31
N GLY A 102 -16.19 2.11 8.36
CA GLY A 102 -15.96 1.36 9.58
C GLY A 102 -15.73 2.30 10.72
N GLN A 103 -15.92 1.84 11.96
CA GLN A 103 -15.70 2.71 13.11
C GLN A 103 -14.27 2.52 13.60
N TYR A 104 -13.74 3.57 14.20
CA TYR A 104 -12.37 3.58 14.71
C TYR A 104 -12.03 2.42 15.63
N SER A 105 -12.98 2.04 16.49
CA SER A 105 -12.74 0.94 17.42
C SER A 105 -12.48 -0.36 16.68
N THR A 106 -13.21 -0.64 15.59
CA THR A 106 -12.93 -1.89 14.90
C THR A 106 -11.68 -1.79 14.03
N ILE A 107 -11.34 -0.60 13.55
CA ILE A 107 -10.11 -0.44 12.76
C ILE A 107 -8.93 -0.68 13.71
N ILE A 108 -9.01 -0.16 14.93
CA ILE A 108 -7.97 -0.35 15.92
C ILE A 108 -7.85 -1.84 16.26
N ALA A 109 -8.99 -2.50 16.44
CA ALA A 109 -9.00 -3.93 16.74
C ALA A 109 -8.29 -4.71 15.64
N GLY A 110 -8.55 -4.33 14.40
CA GLY A 110 -7.94 -5.01 13.27
C GLY A 110 -6.43 -4.87 13.28
N MET A 111 -5.93 -3.71 13.69
CA MET A 111 -4.50 -3.48 13.75
C MET A 111 -3.85 -4.32 14.87
N ASP A 112 -4.49 -4.35 16.04
CA ASP A 112 -3.97 -5.15 17.15
C ASP A 112 -3.97 -6.61 16.73
N PHE A 113 -5.00 -7.00 15.99
CA PHE A 113 -5.12 -8.37 15.53
C PHE A 113 -3.93 -8.80 14.67
N VAL A 114 -3.54 -7.96 13.73
CA VAL A 114 -2.42 -8.25 12.84
C VAL A 114 -1.10 -8.39 13.61
N ALA A 115 -0.87 -7.51 14.58
CA ALA A 115 0.36 -7.55 15.37
C ALA A 115 0.52 -8.91 16.06
N SER A 116 -0.61 -9.49 16.46
CA SER A 116 -0.60 -10.79 17.12
C SER A 116 -0.59 -11.94 16.12
N ASP A 117 -1.47 -11.86 15.14
CA ASP A 117 -1.62 -12.90 14.12
C ASP A 117 -0.37 -13.24 13.31
N LYS A 118 0.49 -12.26 13.07
CA LYS A 118 1.68 -12.53 12.29
C LYS A 118 2.60 -13.53 12.96
N ASN A 119 2.42 -13.71 14.26
CA ASN A 119 3.23 -14.66 15.01
C ASN A 119 2.84 -16.12 14.68
N ASN A 120 1.66 -16.35 14.09
CA ASN A 120 1.26 -17.72 13.74
C ASN A 120 1.41 -17.96 12.24
N ARG A 121 2.07 -17.05 11.53
CA ARG A 121 2.24 -17.18 10.09
C ARG A 121 3.69 -17.41 9.73
N ASN A 122 3.93 -18.04 8.59
CA ASN A 122 5.29 -18.27 8.12
C ASN A 122 5.61 -17.20 7.09
N CYS A 123 6.29 -16.15 7.53
CA CYS A 123 6.66 -15.03 6.68
C CYS A 123 8.14 -14.78 6.94
N PRO A 124 9.00 -15.68 6.45
CA PRO A 124 10.44 -15.56 6.65
C PRO A 124 11.11 -14.27 6.20
N LYS A 125 10.61 -13.66 5.12
CA LYS A 125 11.21 -12.43 4.62
C LYS A 125 10.66 -11.14 5.23
N GLY A 126 9.58 -11.26 6.00
CA GLY A 126 9.02 -10.07 6.62
C GLY A 126 7.52 -9.87 6.46
N VAL A 127 7.00 -8.95 7.25
CA VAL A 127 5.57 -8.66 7.26
C VAL A 127 5.28 -7.18 7.03
N VAL A 128 4.30 -6.92 6.18
CA VAL A 128 3.89 -5.57 5.81
C VAL A 128 2.39 -5.44 6.06
N ALA A 129 1.95 -4.24 6.42
CA ALA A 129 0.52 -3.99 6.63
C ALA A 129 0.17 -2.77 5.78
N SER A 130 -0.83 -2.91 4.93
CA SER A 130 -1.25 -1.83 4.05
C SER A 130 -2.60 -1.29 4.50
N LEU A 131 -2.63 0.00 4.83
CA LEU A 131 -3.86 0.63 5.30
C LEU A 131 -4.33 1.79 4.43
N SER A 132 -5.18 1.48 3.46
CA SER A 132 -5.71 2.50 2.56
C SER A 132 -7.01 2.98 3.18
N LEU A 133 -6.87 3.61 4.34
CA LEU A 133 -8.04 4.16 5.06
C LEU A 133 -7.60 5.29 5.98
N GLY A 134 -8.58 5.97 6.55
CA GLY A 134 -8.32 7.09 7.45
C GLY A 134 -9.50 8.02 7.65
N GLY A 135 -9.37 8.90 8.63
CA GLY A 135 -10.43 9.86 8.92
C GLY A 135 -9.83 10.99 9.71
N GLY A 136 -10.68 11.77 10.37
CA GLY A 136 -10.20 12.89 11.16
C GLY A 136 -9.25 12.42 12.25
N TYR A 137 -8.38 13.32 12.69
CA TYR A 137 -7.41 13.01 13.72
C TYR A 137 -7.96 12.27 14.93
N SER A 138 -7.24 11.24 15.35
CA SER A 138 -7.60 10.44 16.53
C SER A 138 -6.30 9.95 17.12
N SER A 139 -6.03 10.27 18.39
CA SER A 139 -4.78 9.83 18.97
C SER A 139 -4.78 8.33 19.25
N SER A 140 -5.96 7.74 19.42
CA SER A 140 -6.07 6.30 19.67
C SER A 140 -5.78 5.52 18.39
N VAL A 141 -6.20 6.06 17.25
CA VAL A 141 -5.96 5.40 15.99
C VAL A 141 -4.47 5.50 15.67
N ASN A 142 -3.88 6.66 15.91
CA ASN A 142 -2.45 6.85 15.66
C ASN A 142 -1.67 5.88 16.53
N SER A 143 -2.11 5.78 17.79
CA SER A 143 -1.46 4.91 18.74
C SER A 143 -1.47 3.46 18.29
N ALA A 144 -2.59 3.01 17.74
CA ALA A 144 -2.70 1.62 17.27
C ALA A 144 -1.76 1.38 16.10
N ALA A 145 -1.59 2.40 15.26
CA ALA A 145 -0.71 2.29 14.11
C ALA A 145 0.74 2.19 14.58
N ALA A 146 1.07 2.96 15.61
CA ALA A 146 2.43 2.94 16.15
C ALA A 146 2.75 1.61 16.81
N ARG A 147 1.76 1.01 17.47
CA ARG A 147 1.96 -0.30 18.12
C ARG A 147 2.25 -1.36 17.06
N LEU A 148 1.48 -1.35 15.98
CA LEU A 148 1.66 -2.32 14.92
C LEU A 148 3.07 -2.20 14.33
N GLN A 149 3.49 -0.98 14.05
CA GLN A 149 4.82 -0.73 13.50
C GLN A 149 5.90 -1.23 14.47
N SER A 150 5.76 -0.90 15.75
CA SER A 150 6.75 -1.31 16.74
C SER A 150 6.76 -2.84 16.96
N SER A 151 5.66 -3.51 16.66
CA SER A 151 5.62 -4.96 16.84
C SER A 151 6.45 -5.66 15.77
N GLY A 152 6.92 -4.90 14.79
CA GLY A 152 7.76 -5.46 13.74
C GLY A 152 7.11 -5.63 12.39
N VAL A 153 6.10 -4.81 12.10
CA VAL A 153 5.39 -4.86 10.84
C VAL A 153 5.64 -3.54 10.11
N MET A 154 5.87 -3.60 8.80
CA MET A 154 6.08 -2.37 8.04
C MET A 154 4.69 -1.81 7.75
N VAL A 155 4.34 -0.70 8.40
CA VAL A 155 3.03 -0.09 8.20
C VAL A 155 3.01 1.05 7.18
N ALA A 156 2.18 0.90 6.16
CA ALA A 156 2.03 1.92 5.12
C ALA A 156 0.59 2.42 5.17
N VAL A 157 0.40 3.73 5.28
CA VAL A 157 -0.96 4.29 5.34
C VAL A 157 -1.17 5.41 4.32
N ALA A 158 -2.42 5.56 3.88
CA ALA A 158 -2.76 6.59 2.90
C ALA A 158 -2.72 7.97 3.55
N ALA A 159 -2.23 8.95 2.82
CA ALA A 159 -2.16 10.32 3.33
C ALA A 159 -3.55 10.95 3.45
N GLY A 160 -4.46 10.51 2.59
CA GLY A 160 -5.82 11.07 2.61
C GLY A 160 -6.09 11.82 1.32
N ASN A 161 -7.36 11.97 0.95
CA ASN A 161 -7.72 12.64 -0.29
C ASN A 161 -8.45 13.97 -0.12
N ASN A 162 -7.99 14.81 0.80
CA ASN A 162 -8.70 16.08 1.06
C ASN A 162 -7.94 17.29 0.51
N ASN A 163 -6.85 17.04 -0.22
CA ASN A 163 -6.03 18.15 -0.71
C ASN A 163 -5.77 19.11 0.45
N ALA A 164 -5.38 18.51 1.58
CA ALA A 164 -5.10 19.29 2.79
C ALA A 164 -3.88 18.74 3.50
N ASP A 165 -3.50 19.38 4.60
CA ASP A 165 -2.35 18.94 5.35
C ASP A 165 -2.75 17.67 6.11
N ALA A 166 -2.02 16.59 5.86
CA ALA A 166 -2.32 15.30 6.48
C ALA A 166 -2.25 15.23 8.01
N ARG A 167 -1.78 16.31 8.63
CA ARG A 167 -1.64 16.37 10.09
C ARG A 167 -2.97 16.25 10.84
N ASN A 168 -4.07 16.50 10.15
CA ASN A 168 -5.40 16.43 10.76
C ASN A 168 -6.18 15.16 10.45
N TYR A 169 -5.43 14.22 9.91
CA TYR A 169 -6.01 12.97 9.51
C TYR A 169 -5.36 11.85 10.20
N SER A 170 -6.20 11.02 10.72
CA SER A 170 -5.72 9.86 11.38
C SER A 170 -5.88 8.71 10.45
N PRO A 171 -4.81 8.00 10.46
CA PRO A 171 -3.65 6.99 10.28
C PRO A 171 -2.39 7.71 9.84
N ALA A 172 -2.70 8.64 8.97
CA ALA A 172 -1.74 9.45 8.27
C ALA A 172 -0.82 10.27 9.15
N SER A 173 -1.33 10.92 10.20
CA SER A 173 -0.50 11.78 11.03
C SER A 173 0.41 11.10 12.03
N GLU A 174 0.37 9.78 12.13
CA GLU A 174 1.25 9.06 13.04
C GLU A 174 2.63 9.07 12.39
N PRO A 175 3.59 9.77 13.02
CA PRO A 175 4.96 9.89 12.53
C PRO A 175 5.73 8.59 12.34
N SER A 176 5.52 7.60 13.19
CA SER A 176 6.29 6.36 13.10
C SER A 176 5.97 5.42 11.93
N VAL A 177 4.85 5.62 11.24
CA VAL A 177 4.51 4.73 10.12
C VAL A 177 4.88 5.38 8.80
N CYS A 178 4.57 4.74 7.67
CA CYS A 178 4.93 5.31 6.37
C CYS A 178 3.70 5.92 5.69
N THR A 179 3.64 7.24 5.68
CA THR A 179 2.51 7.97 5.10
C THR A 179 2.73 8.24 3.62
N VAL A 180 1.81 7.74 2.79
CA VAL A 180 1.91 7.82 1.34
C VAL A 180 0.98 8.78 0.61
N GLY A 181 1.57 9.67 -0.19
CA GLY A 181 0.80 10.62 -0.99
C GLY A 181 0.65 10.06 -2.38
N ALA A 182 -0.19 10.67 -3.22
CA ALA A 182 -0.40 10.17 -4.57
C ALA A 182 0.08 11.09 -5.69
N SER A 183 0.51 10.50 -6.80
CA SER A 183 0.95 11.26 -7.97
C SER A 183 0.24 10.71 -9.21
N ASP A 184 0.22 11.48 -10.31
CA ASP A 184 -0.42 11.00 -11.53
C ASP A 184 0.64 10.62 -12.57
N ARG A 185 0.25 10.17 -13.76
CA ARG A 185 1.26 9.73 -14.74
C ARG A 185 2.15 10.80 -15.33
N TYR A 186 1.84 12.07 -15.08
CA TYR A 186 2.70 13.14 -15.60
C TYR A 186 3.61 13.68 -14.50
N ASP A 187 3.73 12.92 -13.43
CA ASP A 187 4.57 13.30 -12.30
C ASP A 187 4.12 14.53 -11.53
N ARG A 188 2.81 14.74 -11.47
CA ARG A 188 2.25 15.85 -10.71
C ARG A 188 1.63 15.24 -9.46
N ARG A 189 1.57 16.00 -8.36
CA ARG A 189 0.92 15.49 -7.17
C ARG A 189 -0.53 15.36 -7.60
N SER A 190 -1.19 14.27 -7.24
CA SER A 190 -2.60 14.09 -7.59
C SER A 190 -3.35 15.25 -6.95
N SER A 191 -4.30 15.84 -7.68
CA SER A 191 -5.03 16.99 -7.18
C SER A 191 -5.77 16.79 -5.87
N PHE A 192 -6.08 15.54 -5.52
CA PHE A 192 -6.79 15.23 -4.29
C PHE A 192 -5.87 14.87 -3.14
N SER A 193 -4.62 14.59 -3.45
CA SER A 193 -3.66 14.16 -2.44
C SER A 193 -3.38 15.14 -1.32
N ASN A 194 -3.42 14.63 -0.09
CA ASN A 194 -3.09 15.45 1.06
C ASN A 194 -1.58 15.61 0.94
N TYR A 195 -1.02 16.52 1.71
CA TYR A 195 0.42 16.77 1.69
C TYR A 195 0.81 17.20 3.08
N GLY A 196 2.01 17.75 3.23
CA GLY A 196 2.44 18.20 4.54
C GLY A 196 3.72 17.52 4.97
N SER A 197 4.27 17.97 6.08
CA SER A 197 5.53 17.41 6.55
C SER A 197 5.47 15.98 7.09
N VAL A 198 4.28 15.46 7.35
CA VAL A 198 4.20 14.09 7.86
C VAL A 198 4.31 13.05 6.75
N LEU A 199 4.17 13.47 5.50
CA LEU A 199 4.30 12.53 4.38
C LEU A 199 5.74 12.04 4.28
N ASP A 200 5.90 10.77 3.94
CA ASP A 200 7.24 10.18 3.79
C ASP A 200 7.63 9.92 2.37
N ILE A 201 6.64 9.64 1.53
CA ILE A 201 6.91 9.25 0.16
C ILE A 201 5.65 9.40 -0.69
N PHE A 202 5.82 9.44 -2.01
CA PHE A 202 4.69 9.51 -2.93
C PHE A 202 4.69 8.25 -3.77
N GLY A 203 3.50 7.84 -4.21
CA GLY A 203 3.39 6.67 -5.06
C GLY A 203 2.31 6.91 -6.10
N PRO A 204 2.29 6.13 -7.20
CA PRO A 204 1.27 6.31 -8.24
C PRO A 204 -0.14 6.14 -7.64
N GLY A 205 -0.99 7.15 -7.83
CA GLY A 205 -2.33 7.06 -7.28
C GLY A 205 -3.47 7.50 -8.17
N THR A 206 -3.18 8.07 -9.33
CA THR A 206 -4.25 8.50 -10.23
C THR A 206 -4.47 7.50 -11.37
N SER A 207 -5.73 7.09 -11.52
CA SER A 207 -6.20 6.11 -12.50
C SER A 207 -5.31 4.87 -12.54
N ILE A 208 -5.41 4.11 -11.46
CA ILE A 208 -4.65 2.89 -11.25
C ILE A 208 -5.53 1.68 -11.57
N LEU A 209 -5.11 0.89 -12.55
CA LEU A 209 -5.84 -0.31 -12.95
C LEU A 209 -5.47 -1.46 -12.04
N SER A 210 -6.47 -2.19 -11.55
CA SER A 210 -6.22 -3.32 -10.68
C SER A 210 -7.44 -4.25 -10.61
N THR A 211 -7.34 -5.28 -9.79
CA THR A 211 -8.43 -6.25 -9.64
C THR A 211 -9.67 -5.65 -8.98
N TRP A 212 -10.83 -6.25 -9.27
CA TRP A 212 -12.10 -5.81 -8.71
C TRP A 212 -12.94 -7.05 -8.43
N ILE A 213 -13.99 -6.91 -7.62
CA ILE A 213 -14.82 -8.07 -7.32
C ILE A 213 -15.57 -8.58 -8.54
N GLY A 214 -16.00 -9.84 -8.46
CA GLY A 214 -16.68 -10.44 -9.59
C GLY A 214 -15.67 -10.89 -10.61
N GLY A 215 -14.42 -11.08 -10.17
CA GLY A 215 -13.35 -11.51 -11.06
C GLY A 215 -13.06 -10.54 -12.18
N SER A 216 -13.27 -9.25 -11.94
CA SER A 216 -13.04 -8.24 -12.95
C SER A 216 -11.86 -7.32 -12.65
N THR A 217 -11.78 -6.20 -13.36
CA THR A 217 -10.74 -5.21 -13.15
C THR A 217 -11.38 -3.84 -13.28
N ARG A 218 -10.74 -2.84 -12.69
CA ARG A 218 -11.27 -1.50 -12.71
C ARG A 218 -10.15 -0.52 -12.41
N SER A 219 -10.28 0.69 -12.95
CA SER A 219 -9.28 1.71 -12.75
C SER A 219 -9.87 2.80 -11.85
N ILE A 220 -9.21 3.07 -10.73
CA ILE A 220 -9.69 4.11 -9.82
C ILE A 220 -8.52 4.95 -9.30
N SER A 221 -8.84 6.03 -8.60
CA SER A 221 -7.81 6.94 -8.09
C SER A 221 -7.91 7.22 -6.60
N GLY A 222 -6.78 7.54 -5.98
CA GLY A 222 -6.76 7.86 -4.56
C GLY A 222 -5.42 7.59 -3.91
N THR A 223 -5.20 8.16 -2.72
CA THR A 223 -3.94 7.90 -2.02
C THR A 223 -4.09 6.45 -1.56
N SER A 224 -5.32 5.95 -1.66
CA SER A 224 -5.65 4.57 -1.33
C SER A 224 -4.97 3.63 -2.33
N MET A 225 -4.74 4.12 -3.55
CA MET A 225 -4.09 3.33 -4.59
C MET A 225 -2.57 3.47 -4.52
N ALA A 226 -2.11 4.61 -4.02
CA ALA A 226 -0.67 4.85 -3.89
C ALA A 226 -0.10 3.99 -2.78
N THR A 227 -0.82 3.91 -1.67
CA THR A 227 -0.38 3.15 -0.51
C THR A 227 0.07 1.72 -0.81
N PRO A 228 -0.73 0.92 -1.53
CA PRO A 228 -0.31 -0.45 -1.82
C PRO A 228 0.92 -0.56 -2.74
N HIS A 229 1.20 0.49 -3.51
CA HIS A 229 2.38 0.48 -4.38
C HIS A 229 3.60 0.44 -3.47
N VAL A 230 3.60 1.23 -2.40
CA VAL A 230 4.77 1.20 -1.53
C VAL A 230 4.73 0.02 -0.54
N ALA A 231 3.54 -0.47 -0.19
CA ALA A 231 3.46 -1.64 0.69
C ALA A 231 4.06 -2.80 -0.10
N GLY A 232 3.67 -2.90 -1.37
CA GLY A 232 4.19 -3.95 -2.24
C GLY A 232 5.69 -3.79 -2.45
N LEU A 233 6.15 -2.55 -2.63
CA LEU A 233 7.58 -2.32 -2.83
C LEU A 233 8.37 -2.73 -1.58
N ALA A 234 7.83 -2.45 -0.40
CA ALA A 234 8.51 -2.81 0.84
C ALA A 234 8.69 -4.33 0.92
N ALA A 235 7.64 -5.07 0.59
CA ALA A 235 7.70 -6.54 0.63
C ALA A 235 8.76 -7.04 -0.34
N TYR A 236 8.82 -6.42 -1.52
CA TYR A 236 9.77 -6.78 -2.55
C TYR A 236 11.22 -6.55 -2.07
N LEU A 237 11.47 -5.39 -1.45
CA LEU A 237 12.81 -5.05 -0.95
C LEU A 237 13.21 -5.88 0.26
N MET A 238 12.23 -6.29 1.07
CA MET A 238 12.51 -7.09 2.24
C MET A 238 12.92 -8.50 1.82
N THR A 239 12.25 -9.09 0.83
CA THR A 239 12.69 -10.43 0.45
C THR A 239 14.03 -10.32 -0.29
N LEU A 240 14.34 -9.14 -0.84
CA LEU A 240 15.63 -8.95 -1.52
C LEU A 240 16.72 -8.80 -0.44
N GLY A 241 16.30 -8.58 0.80
CA GLY A 241 17.23 -8.43 1.90
C GLY A 241 17.88 -7.06 1.99
N LYS A 242 17.30 -6.10 1.30
CA LYS A 242 17.81 -4.72 1.26
C LYS A 242 17.49 -3.92 2.51
N THR A 243 16.38 -4.25 3.14
CA THR A 243 15.94 -3.51 4.31
C THR A 243 15.10 -4.42 5.19
N THR A 244 14.63 -3.89 6.32
CA THR A 244 13.82 -4.64 7.27
C THR A 244 12.53 -3.85 7.50
N ALA A 245 11.60 -4.43 8.26
CA ALA A 245 10.33 -3.76 8.53
C ALA A 245 10.51 -2.44 9.25
N ALA A 246 11.44 -2.39 10.18
CA ALA A 246 11.68 -1.18 10.96
C ALA A 246 12.29 -0.03 10.17
N SER A 247 13.03 -0.34 9.10
CA SER A 247 13.67 0.72 8.34
C SER A 247 13.26 0.83 6.88
N ALA A 248 12.29 0.02 6.45
CA ALA A 248 11.85 0.05 5.06
C ALA A 248 11.41 1.42 4.55
N CYS A 249 10.61 2.13 5.34
CA CYS A 249 10.13 3.45 4.91
C CYS A 249 11.29 4.40 4.64
N ARG A 250 12.22 4.45 5.58
CA ARG A 250 13.39 5.31 5.45
C ARG A 250 14.24 4.87 4.25
N TYR A 251 14.35 3.57 4.05
CA TYR A 251 15.13 3.04 2.94
C TYR A 251 14.48 3.43 1.60
N ILE A 252 13.15 3.34 1.53
CA ILE A 252 12.42 3.70 0.32
C ILE A 252 12.63 5.19 0.02
N ALA A 253 12.57 6.02 1.06
CA ALA A 253 12.76 7.45 0.90
C ALA A 253 14.20 7.76 0.47
N ASP A 254 15.16 7.06 1.06
CA ASP A 254 16.58 7.24 0.74
C ASP A 254 16.91 6.91 -0.71
N THR A 255 16.22 5.90 -1.25
CA THR A 255 16.47 5.46 -2.61
C THR A 255 15.46 5.92 -3.65
N ALA A 256 14.56 6.81 -3.26
CA ALA A 256 13.53 7.31 -4.16
C ALA A 256 14.04 8.24 -5.25
N ASN A 257 13.17 8.50 -6.23
CA ASN A 257 13.45 9.47 -7.28
C ASN A 257 13.15 10.77 -6.58
N LYS A 258 14.11 11.69 -6.52
CA LYS A 258 13.89 12.94 -5.82
C LYS A 258 13.79 14.15 -6.74
N GLY A 259 12.88 15.06 -6.41
CA GLY A 259 12.70 16.27 -7.20
C GLY A 259 11.98 16.14 -8.52
N ASP A 260 11.46 14.95 -8.82
CA ASP A 260 10.76 14.70 -10.08
C ASP A 260 9.31 15.18 -10.11
N LEU A 261 8.69 15.29 -8.95
CA LEU A 261 7.28 15.68 -8.87
C LEU A 261 7.02 17.17 -8.92
N SER A 262 5.88 17.55 -9.50
CA SER A 262 5.51 18.95 -9.58
C SER A 262 4.25 19.13 -8.74
N ASN A 263 3.97 20.37 -8.35
CA ASN A 263 2.80 20.68 -7.55
C ASN A 263 3.00 20.27 -6.08
N ILE A 264 4.25 20.17 -5.64
CA ILE A 264 4.54 19.82 -4.26
C ILE A 264 4.73 21.09 -3.44
N PRO A 265 3.90 21.29 -2.40
CA PRO A 265 3.96 22.47 -1.52
C PRO A 265 5.27 22.51 -0.75
N PHE A 266 5.79 23.71 -0.46
CA PHE A 266 7.03 23.82 0.29
C PHE A 266 6.80 23.11 1.62
N GLY A 267 7.76 22.29 2.04
CA GLY A 267 7.61 21.57 3.29
C GLY A 267 7.18 20.12 3.14
N THR A 268 6.81 19.73 1.93
CA THR A 268 6.39 18.37 1.66
C THR A 268 7.52 17.72 0.87
N VAL A 269 7.86 16.47 1.18
CA VAL A 269 8.94 15.82 0.46
C VAL A 269 8.60 15.61 -1.02
N ASN A 270 9.61 15.69 -1.87
CA ASN A 270 9.42 15.46 -3.30
C ASN A 270 10.18 14.17 -3.56
N LEU A 271 9.59 13.06 -3.12
CA LEU A 271 10.18 11.74 -3.26
C LEU A 271 9.16 10.78 -3.85
N LEU A 272 9.56 10.07 -4.89
CA LEU A 272 8.69 9.12 -5.57
C LEU A 272 9.27 7.71 -5.45
N ALA A 273 8.46 6.77 -4.97
CA ALA A 273 8.89 5.38 -4.78
C ALA A 273 9.59 4.83 -6.01
N TYR A 274 10.74 4.20 -5.80
CA TYR A 274 11.54 3.67 -6.90
C TYR A 274 12.23 2.36 -6.47
N ASN A 275 12.12 1.32 -7.28
CA ASN A 275 12.72 0.04 -6.92
C ASN A 275 14.21 -0.09 -7.23
N ASN A 276 14.76 0.85 -7.98
CA ASN A 276 16.19 0.81 -8.30
C ASN A 276 16.63 -0.46 -9.00
N TYR A 277 15.78 -0.97 -9.89
CA TYR A 277 16.13 -2.19 -10.59
C TYR A 277 17.13 -2.00 -11.71
N GLN A 278 18.21 -2.75 -11.67
CA GLN A 278 19.12 -2.71 -12.80
C GLN A 278 19.35 -4.16 -13.14
N ALA A 279 18.96 -4.46 -14.37
CA ALA A 279 18.98 -5.78 -14.98
C ALA A 279 20.27 -6.56 -15.08
#